data_2KF0
#
_entry.id   2KF0
#
_entity_poly.entity_id   1
_entity_poly.type   'polyribonucleotide'
_entity_poly.pdbx_seq_one_letter_code
;GGUUCCCCUGCAUAAGGAUGAACC
;
_entity_poly.pdbx_strand_id   A
#
loop_
_chem_comp.id
_chem_comp.type
_chem_comp.name
_chem_comp.formula
A RNA linking ADENOSINE-5'-MONOPHOSPHATE 'C10 H14 N5 O7 P'
C RNA linking CYTIDINE-5'-MONOPHOSPHATE 'C9 H14 N3 O8 P'
G RNA linking GUANOSINE-5'-MONOPHOSPHATE 'C10 H14 N5 O8 P'
U RNA linking URIDINE-5'-MONOPHOSPHATE 'C9 H13 N2 O9 P'
#